data_6MAI
#
_entry.id   6MAI
#
_cell.length_a   84.650
_cell.length_b   84.650
_cell.length_c   55.700
_cell.angle_alpha   90.000
_cell.angle_beta   90.000
_cell.angle_gamma   120.000
#
_symmetry.space_group_name_H-M   'P 63'
#
loop_
_entity.id
_entity.type
_entity.pdbx_description
1 polymer "Deoxyuridine 5'-triphosphate nucleotidohydrolase"
2 non-polymer 1,2-ETHANEDIOL
3 water water
#
_entity_poly.entity_id   1
_entity_poly.type   'polypeptide(L)'
_entity_poly.pdbx_seq_one_letter_code
;MAHHHHHHMHQVIQLKILDSRIGDTIPLPAYATDGSAGLDLRVCISEPMQVAPQQTVLLPTGIAIYIADPKLAAVILPRS
GLGHKNGIVLGNLVGLIDSDYQGELKISCWNRSQEHFTVNPGDRIAQLVFIPVVQASFEVVNEFTESSRGEGGFGSSGRY
;
_entity_poly.pdbx_strand_id   A
#
loop_
_chem_comp.id
_chem_comp.type
_chem_comp.name
_chem_comp.formula
EDO non-polymer 1,2-ETHANEDIOL 'C2 H6 O2'
#
# COMPACT_ATOMS: atom_id res chain seq x y z
N HIS A 10 5.78 14.73 13.87
CA HIS A 10 5.83 13.43 13.20
C HIS A 10 5.79 12.29 14.21
N GLN A 11 5.66 11.07 13.67
CA GLN A 11 5.63 9.85 14.47
C GLN A 11 6.62 8.88 13.86
N VAL A 12 7.43 8.22 14.70
CA VAL A 12 8.48 7.34 14.16
C VAL A 12 7.90 5.96 13.88
N ILE A 13 8.18 5.44 12.69
CA ILE A 13 7.73 4.12 12.26
C ILE A 13 8.96 3.35 11.83
N GLN A 14 9.19 2.20 12.45
CA GLN A 14 10.34 1.39 12.06
C GLN A 14 10.10 0.77 10.69
N LEU A 15 11.18 0.69 9.90
CA LEU A 15 11.14 0.11 8.57
C LEU A 15 12.31 -0.85 8.47
N LYS A 16 12.04 -2.05 7.97
CA LYS A 16 13.09 -3.04 7.73
C LYS A 16 13.22 -3.22 6.22
N ILE A 17 14.43 -3.12 5.71
CA ILE A 17 14.66 -3.31 4.29
C ILE A 17 14.87 -4.81 4.04
N LEU A 18 14.00 -5.40 3.23
CA LEU A 18 14.05 -6.82 2.94
C LEU A 18 14.76 -7.14 1.64
N ASP A 19 14.96 -6.16 0.78
CA ASP A 19 15.61 -6.35 -0.51
C ASP A 19 16.66 -5.28 -0.71
N SER A 20 17.90 -5.70 -1.01
CA SER A 20 19.03 -4.77 -1.06
C SER A 20 18.87 -3.69 -2.13
N ARG A 21 17.94 -3.86 -3.08
CA ARG A 21 17.69 -2.78 -4.03
C ARG A 21 17.11 -1.55 -3.37
N ILE A 22 16.34 -1.72 -2.29
CA ILE A 22 15.70 -0.59 -1.63
C ILE A 22 16.76 0.29 -0.98
N GLY A 23 16.68 1.60 -1.26
CA GLY A 23 17.67 2.53 -0.79
C GLY A 23 18.89 2.65 -1.69
N ASP A 24 18.95 1.86 -2.75
CA ASP A 24 20.02 1.90 -3.73
C ASP A 24 19.39 2.28 -5.07
N THR A 25 18.83 1.30 -5.78
CA THR A 25 18.21 1.55 -7.06
C THR A 25 16.71 1.87 -6.97
N ILE A 26 16.06 1.55 -5.85
CA ILE A 26 14.65 1.83 -5.65
C ILE A 26 14.51 2.63 -4.35
N PRO A 27 14.01 3.86 -4.39
CA PRO A 27 14.03 4.72 -3.20
C PRO A 27 13.11 4.20 -2.11
N LEU A 28 13.45 4.54 -0.87
CA LEU A 28 12.52 4.35 0.23
C LEU A 28 11.27 5.20 0.00
N PRO A 29 10.14 4.83 0.58
CA PRO A 29 8.97 5.71 0.51
C PRO A 29 9.27 7.01 1.22
N ALA A 30 8.81 8.12 0.65
CA ALA A 30 9.02 9.43 1.24
C ALA A 30 7.89 10.36 0.79
N TYR A 31 7.59 11.34 1.63
CA TYR A 31 6.53 12.27 1.29
C TYR A 31 6.99 13.21 0.19
N ALA A 32 6.16 13.37 -0.84
CA ALA A 32 6.54 14.20 -1.97
C ALA A 32 6.68 15.67 -1.56
N THR A 33 5.72 16.18 -0.81
CA THR A 33 5.74 17.55 -0.33
C THR A 33 5.42 17.56 1.16
N ASP A 34 5.67 18.71 1.80
CA ASP A 34 5.36 18.83 3.22
C ASP A 34 3.88 18.68 3.50
N GLY A 35 3.03 18.89 2.49
CA GLY A 35 1.59 18.76 2.63
C GLY A 35 1.03 17.44 2.16
N SER A 36 1.88 16.47 1.78
CA SER A 36 1.39 15.19 1.29
C SER A 36 0.79 14.33 2.39
N ALA A 37 -0.36 13.73 2.10
CA ALA A 37 -0.96 12.81 3.06
C ALA A 37 -0.42 11.40 2.92
N GLY A 38 0.03 11.02 1.72
CA GLY A 38 0.39 9.65 1.43
C GLY A 38 1.82 9.52 0.96
N LEU A 39 2.29 8.28 0.97
CA LEU A 39 3.62 7.89 0.48
C LEU A 39 3.41 6.90 -0.66
N ASP A 40 3.98 7.20 -1.83
CA ASP A 40 3.91 6.25 -2.93
C ASP A 40 4.72 5.00 -2.59
N LEU A 41 4.17 3.84 -2.93
CA LEU A 41 4.81 2.56 -2.68
C LEU A 41 5.29 1.97 -4.01
N ARG A 42 6.55 1.62 -4.06
CA ARG A 42 7.17 1.09 -5.27
CA ARG A 42 7.17 1.09 -5.27
C ARG A 42 7.30 -0.42 -5.20
N VAL A 43 7.34 -1.07 -6.37
CA VAL A 43 7.41 -2.51 -6.45
CA VAL A 43 7.40 -2.52 -6.48
C VAL A 43 8.85 -2.95 -6.64
N CYS A 44 9.21 -4.03 -5.95
CA CYS A 44 10.58 -4.54 -5.94
C CYS A 44 10.59 -5.86 -6.69
N ILE A 45 10.75 -5.77 -8.01
CA ILE A 45 10.77 -6.94 -8.86
C ILE A 45 11.96 -6.80 -9.80
N SER A 46 12.35 -7.93 -10.41
CA SER A 46 13.58 -8.02 -11.19
C SER A 46 13.39 -7.77 -12.67
N GLU A 47 12.16 -7.88 -13.17
CA GLU A 47 11.90 -7.69 -14.58
C GLU A 47 10.49 -7.13 -14.71
N PRO A 48 10.13 -6.55 -15.85
CA PRO A 48 8.77 -6.03 -15.99
C PRO A 48 7.74 -7.15 -15.84
N MET A 49 6.61 -6.79 -15.22
CA MET A 49 5.51 -7.69 -14.95
C MET A 49 4.31 -7.26 -15.78
N GLN A 50 3.81 -8.17 -16.62
CA GLN A 50 2.61 -7.91 -17.41
C GLN A 50 1.39 -8.15 -16.55
N VAL A 51 0.43 -7.24 -16.58
CA VAL A 51 -0.84 -7.43 -15.88
C VAL A 51 -1.95 -7.37 -16.91
N ALA A 52 -2.52 -8.53 -17.23
CA ALA A 52 -3.56 -8.63 -18.23
C ALA A 52 -4.86 -8.06 -17.71
N PRO A 53 -5.79 -7.73 -18.60
CA PRO A 53 -7.13 -7.33 -18.16
C PRO A 53 -7.72 -8.35 -17.19
N GLN A 54 -8.25 -7.85 -16.08
CA GLN A 54 -8.90 -8.59 -14.99
C GLN A 54 -7.93 -9.41 -14.14
N GLN A 55 -6.63 -9.42 -14.46
CA GLN A 55 -5.66 -10.19 -13.69
C GLN A 55 -5.36 -9.51 -12.36
N THR A 56 -5.12 -10.32 -11.33
CA THR A 56 -4.63 -9.83 -10.04
C THR A 56 -3.26 -10.47 -9.83
N VAL A 57 -2.25 -9.67 -9.49
CA VAL A 57 -0.92 -10.20 -9.21
CA VAL A 57 -0.91 -10.17 -9.22
C VAL A 57 -0.43 -9.60 -7.90
N LEU A 58 0.26 -10.42 -7.12
CA LEU A 58 0.77 -9.97 -5.82
C LEU A 58 2.18 -9.46 -6.01
N LEU A 59 2.41 -8.19 -5.69
CA LEU A 59 3.67 -7.51 -5.98
C LEU A 59 4.40 -7.13 -4.70
N PRO A 60 5.62 -7.57 -4.51
CA PRO A 60 6.37 -7.23 -3.29
C PRO A 60 6.93 -5.82 -3.36
N THR A 61 7.05 -5.19 -2.18
CA THR A 61 7.70 -3.88 -2.05
C THR A 61 9.14 -3.95 -1.57
N GLY A 62 9.56 -5.08 -1.00
CA GLY A 62 10.89 -5.16 -0.44
C GLY A 62 11.06 -4.47 0.90
N ILE A 63 9.97 -4.00 1.52
CA ILE A 63 10.08 -3.38 2.83
C ILE A 63 9.02 -3.98 3.74
N ALA A 64 9.28 -3.92 5.05
CA ALA A 64 8.30 -4.19 6.08
C ALA A 64 8.28 -2.99 7.01
N ILE A 65 7.11 -2.68 7.57
CA ILE A 65 7.06 -1.61 8.57
C ILE A 65 6.50 -2.18 9.88
N TYR A 66 6.74 -1.46 10.96
CA TYR A 66 6.23 -1.84 12.27
C TYR A 66 5.68 -0.58 12.91
N ILE A 67 4.35 -0.42 12.82
CA ILE A 67 3.72 0.79 13.31
C ILE A 67 3.75 0.85 14.83
N ALA A 68 3.48 -0.28 15.50
CA ALA A 68 3.63 -0.52 16.94
C ALA A 68 2.56 0.17 17.78
N ASP A 69 2.29 1.43 17.50
CA ASP A 69 1.31 2.21 18.25
C ASP A 69 -0.10 1.73 17.91
N PRO A 70 -0.85 1.16 18.85
CA PRO A 70 -2.21 0.68 18.54
C PRO A 70 -3.22 1.78 18.26
N LYS A 71 -2.86 3.06 18.40
CA LYS A 71 -3.75 4.14 18.01
C LYS A 71 -3.50 4.59 16.57
N LEU A 72 -2.67 3.86 15.84
CA LEU A 72 -2.31 4.22 14.47
C LEU A 72 -2.43 2.99 13.59
N ALA A 73 -2.85 3.20 12.34
CA ALA A 73 -2.85 2.16 11.33
C ALA A 73 -2.35 2.79 10.04
N ALA A 74 -2.25 1.99 8.98
CA ALA A 74 -2.00 2.53 7.67
C ALA A 74 -3.01 1.93 6.70
N VAL A 75 -3.37 2.69 5.68
CA VAL A 75 -4.17 2.13 4.59
C VAL A 75 -3.37 2.24 3.32
N ILE A 76 -3.56 1.26 2.46
CA ILE A 76 -2.95 1.24 1.13
C ILE A 76 -4.05 1.46 0.11
N LEU A 77 -3.88 2.47 -0.75
CA LEU A 77 -4.89 2.91 -1.71
C LEU A 77 -4.31 2.86 -3.11
N PRO A 78 -5.15 2.76 -4.13
CA PRO A 78 -4.65 2.96 -5.51
C PRO A 78 -4.11 4.36 -5.70
N ARG A 79 -3.20 4.51 -6.68
CA ARG A 79 -2.82 5.85 -7.14
C ARG A 79 -3.92 6.40 -8.04
N SER A 80 -4.16 7.72 -7.98
CA SER A 80 -5.35 8.24 -8.66
C SER A 80 -5.20 8.14 -10.18
N GLY A 81 -4.02 8.49 -10.70
CA GLY A 81 -3.83 8.44 -12.15
C GLY A 81 -3.87 7.01 -12.68
N LEU A 82 -3.11 6.11 -12.06
CA LEU A 82 -3.14 4.71 -12.48
C LEU A 82 -4.56 4.16 -12.43
N GLY A 83 -5.28 4.44 -11.35
CA GLY A 83 -6.63 3.91 -11.22
C GLY A 83 -7.58 4.49 -12.25
N HIS A 84 -7.56 5.82 -12.41
CA HIS A 84 -8.47 6.46 -13.35
C HIS A 84 -8.09 6.17 -14.79
N LYS A 85 -6.81 6.36 -15.12
CA LYS A 85 -6.38 6.27 -16.52
C LYS A 85 -6.18 4.83 -16.99
N ASN A 86 -5.60 3.98 -16.13
CA ASN A 86 -5.20 2.64 -16.55
C ASN A 86 -5.99 1.53 -15.90
N GLY A 87 -6.88 1.86 -14.97
CA GLY A 87 -7.57 0.84 -14.21
C GLY A 87 -6.64 -0.04 -13.40
N ILE A 88 -5.50 0.49 -12.98
CA ILE A 88 -4.56 -0.30 -12.17
C ILE A 88 -4.83 0.06 -10.72
N VAL A 89 -5.51 -0.86 -10.02
CA VAL A 89 -6.00 -0.60 -8.67
C VAL A 89 -5.60 -1.76 -7.77
N LEU A 90 -6.33 -1.96 -6.67
CA LEU A 90 -6.00 -3.01 -5.71
C LEU A 90 -7.05 -4.11 -5.72
N GLY A 91 -6.60 -5.36 -5.66
CA GLY A 91 -7.56 -6.46 -5.71
C GLY A 91 -8.41 -6.53 -4.47
N ASN A 92 -7.88 -6.11 -3.33
CA ASN A 92 -8.68 -6.00 -2.13
C ASN A 92 -9.22 -4.60 -1.90
N LEU A 93 -9.07 -3.71 -2.91
CA LEU A 93 -9.63 -2.36 -2.99
C LEU A 93 -8.90 -1.40 -2.08
N VAL A 94 -8.83 -1.71 -0.78
CA VAL A 94 -8.11 -0.90 0.22
C VAL A 94 -7.42 -1.88 1.16
N GLY A 95 -6.11 -1.72 1.34
CA GLY A 95 -5.36 -2.54 2.29
C GLY A 95 -5.33 -1.87 3.65
N LEU A 96 -5.43 -2.67 4.71
CA LEU A 96 -5.36 -2.14 6.08
C LEU A 96 -4.15 -2.77 6.75
N ILE A 97 -3.24 -1.94 7.25
CA ILE A 97 -2.02 -2.42 7.91
C ILE A 97 -2.21 -2.18 9.41
N ASP A 98 -2.28 -3.28 10.19
CA ASP A 98 -2.44 -3.18 11.63
C ASP A 98 -1.15 -2.74 12.31
N SER A 99 -1.29 -2.21 13.53
CA SER A 99 -0.12 -1.73 14.25
C SER A 99 0.83 -2.86 14.59
N ASP A 100 0.35 -4.10 14.67
CA ASP A 100 1.25 -5.18 15.05
C ASP A 100 1.67 -6.01 13.84
N TYR A 101 1.35 -5.57 12.62
CA TYR A 101 1.80 -6.28 11.43
C TYR A 101 3.28 -5.99 11.17
N GLN A 102 4.10 -7.04 11.01
CA GLN A 102 5.52 -6.86 10.75
C GLN A 102 6.00 -7.55 9.47
N GLY A 103 5.09 -8.07 8.64
CA GLY A 103 5.50 -8.73 7.42
C GLY A 103 5.80 -7.76 6.29
N GLU A 104 6.35 -8.29 5.20
CA GLU A 104 6.59 -7.45 4.03
C GLU A 104 5.29 -6.84 3.55
N LEU A 105 5.33 -5.54 3.21
CA LEU A 105 4.19 -4.94 2.52
C LEU A 105 4.12 -5.48 1.10
N LYS A 106 2.99 -6.07 0.73
CA LYS A 106 2.74 -6.57 -0.61
C LYS A 106 1.48 -5.93 -1.16
N ILE A 107 1.47 -5.68 -2.46
CA ILE A 107 0.36 -4.99 -3.12
CA ILE A 107 0.37 -4.98 -3.13
C ILE A 107 -0.43 -5.99 -3.94
N SER A 108 -1.74 -6.06 -3.70
CA SER A 108 -2.62 -6.85 -4.56
C SER A 108 -2.96 -5.98 -5.76
N CYS A 109 -2.24 -6.16 -6.86
CA CYS A 109 -2.40 -5.28 -8.01
C CYS A 109 -3.43 -5.90 -8.95
N TRP A 110 -4.57 -5.23 -9.13
CA TRP A 110 -5.65 -5.71 -9.97
C TRP A 110 -5.84 -4.76 -11.15
N ASN A 111 -5.82 -5.31 -12.36
CA ASN A 111 -6.13 -4.55 -13.57
C ASN A 111 -7.63 -4.66 -13.84
N ARG A 112 -8.40 -3.62 -13.52
CA ARG A 112 -9.83 -3.61 -13.80
C ARG A 112 -10.15 -3.10 -15.21
N SER A 113 -9.14 -2.74 -16.00
CA SER A 113 -9.38 -2.17 -17.32
C SER A 113 -9.45 -3.26 -18.38
N GLN A 114 -9.66 -2.86 -19.63
CA GLN A 114 -9.62 -3.78 -20.76
C GLN A 114 -8.29 -3.71 -21.50
N GLU A 115 -7.28 -3.03 -20.94
CA GLU A 115 -5.99 -2.87 -21.59
CA GLU A 115 -5.98 -2.86 -21.59
C GLU A 115 -4.89 -3.55 -20.78
N HIS A 116 -4.00 -4.26 -21.48
CA HIS A 116 -2.82 -4.83 -20.83
C HIS A 116 -1.94 -3.71 -20.29
N PHE A 117 -1.27 -3.97 -19.17
CA PHE A 117 -0.46 -2.96 -18.47
C PHE A 117 0.87 -3.58 -18.09
N THR A 118 1.96 -2.82 -18.21
CA THR A 118 3.28 -3.27 -17.77
C THR A 118 3.68 -2.56 -16.50
N VAL A 119 4.03 -3.32 -15.46
CA VAL A 119 4.64 -2.78 -14.25
C VAL A 119 6.15 -2.95 -14.37
N ASN A 120 6.90 -1.84 -14.34
CA ASN A 120 8.35 -1.94 -14.41
C ASN A 120 8.95 -2.04 -13.02
N PRO A 121 10.14 -2.62 -12.89
CA PRO A 121 10.84 -2.58 -11.59
C PRO A 121 10.93 -1.15 -11.06
N GLY A 122 10.56 -0.97 -9.80
CA GLY A 122 10.64 0.32 -9.17
C GLY A 122 9.43 1.21 -9.36
N ASP A 123 8.45 0.80 -10.16
CA ASP A 123 7.28 1.64 -10.41
C ASP A 123 6.47 1.86 -9.15
N ARG A 124 5.94 3.08 -8.98
CA ARG A 124 4.96 3.38 -7.95
C ARG A 124 3.60 2.87 -8.38
N ILE A 125 2.96 2.02 -7.59
CA ILE A 125 1.66 1.50 -8.01
C ILE A 125 0.60 1.59 -6.92
N ALA A 126 0.94 2.08 -5.74
CA ALA A 126 -0.05 2.30 -4.70
C ALA A 126 0.46 3.41 -3.80
N GLN A 127 -0.35 3.82 -2.84
CA GLN A 127 0.10 4.81 -1.87
C GLN A 127 -0.31 4.37 -0.48
N LEU A 128 0.49 4.79 0.49
CA LEU A 128 0.34 4.39 1.89
C LEU A 128 0.01 5.64 2.70
N VAL A 129 -1.01 5.55 3.55
CA VAL A 129 -1.45 6.69 4.35
C VAL A 129 -1.57 6.24 5.79
N PHE A 130 -0.89 6.93 6.71
CA PHE A 130 -0.99 6.62 8.12
C PHE A 130 -2.16 7.39 8.73
N ILE A 131 -3.06 6.67 9.39
CA ILE A 131 -4.25 7.29 9.98
CA ILE A 131 -4.26 7.26 9.96
C ILE A 131 -4.38 6.89 11.44
N PRO A 132 -4.88 7.77 12.29
CA PRO A 132 -5.25 7.33 13.64
C PRO A 132 -6.46 6.40 13.55
N VAL A 133 -6.50 5.41 14.45
CA VAL A 133 -7.64 4.51 14.57
C VAL A 133 -8.05 4.45 16.03
N VAL A 134 -9.30 4.07 16.25
CA VAL A 134 -9.85 3.94 17.60
C VAL A 134 -10.22 2.49 17.80
N GLN A 135 -9.78 1.91 18.92
CA GLN A 135 -10.25 0.58 19.30
C GLN A 135 -11.49 0.75 20.15
N ALA A 136 -12.62 0.29 19.63
CA ALA A 136 -13.88 0.42 20.33
C ALA A 136 -14.06 -0.68 21.37
N SER A 137 -14.79 -0.39 22.42
CA SER A 137 -15.34 -1.40 23.30
C SER A 137 -16.86 -1.36 23.14
N PHE A 138 -17.43 -2.50 22.77
CA PHE A 138 -18.87 -2.53 22.60
C PHE A 138 -19.59 -2.62 23.94
N GLU A 139 -20.78 -2.03 23.96
CA GLU A 139 -21.74 -2.19 25.05
C GLU A 139 -23.01 -2.70 24.41
N VAL A 140 -23.36 -3.96 24.68
CA VAL A 140 -24.54 -4.57 24.07
C VAL A 140 -25.77 -4.02 24.79
N VAL A 141 -26.70 -3.45 24.03
CA VAL A 141 -27.87 -2.80 24.61
C VAL A 141 -29.13 -3.35 23.97
N ASN A 142 -30.23 -3.28 24.70
CA ASN A 142 -31.52 -3.66 24.13
C ASN A 142 -32.07 -2.54 23.24
N GLU A 143 -31.82 -1.29 23.60
CA GLU A 143 -32.18 -0.14 22.80
C GLU A 143 -31.07 0.89 22.90
N PHE A 144 -30.87 1.67 21.85
CA PHE A 144 -29.86 2.71 21.86
C PHE A 144 -30.32 3.87 22.73
N THR A 145 -29.37 4.51 23.41
CA THR A 145 -29.64 5.63 24.27
C THR A 145 -28.67 6.76 23.97
N GLU A 146 -28.99 7.94 24.48
CA GLU A 146 -28.12 9.11 24.29
C GLU A 146 -27.26 9.36 25.53
C1 EDO B . -2.33 -4.37 0.55
O1 EDO B . -3.36 -5.06 1.29
C2 EDO B . -2.86 -3.65 -0.70
O2 EDO B . -3.24 -4.56 -1.75
C1 EDO C . 9.50 -11.42 -9.89
O1 EDO C . 8.60 -10.52 -10.53
C2 EDO C . 10.79 -10.67 -9.63
O2 EDO C . 11.10 -9.97 -10.84
C1 EDO D . 0.52 -5.97 2.89
O1 EDO D . 1.21 -7.22 2.81
C2 EDO D . -0.94 -6.22 3.24
O2 EDO D . -1.03 -6.84 4.53
C1 EDO E . 5.40 5.85 -12.80
O1 EDO E . 4.37 6.76 -12.37
C2 EDO E . 6.64 6.03 -11.93
O2 EDO E . 6.54 5.21 -10.76
#